data_3WY8
#
_entry.id   3WY8
#
_cell.length_a   103.017
_cell.length_b   103.017
_cell.length_c   103.017
_cell.angle_alpha   90.00
_cell.angle_beta   90.00
_cell.angle_gamma   90.00
#
_symmetry.space_group_name_H-M   'I 2 3'
#
loop_
_entity.id
_entity.type
_entity.pdbx_description
1 polymer 'Serine protease'
2 water water
#
_entity_poly.entity_id   1
_entity_poly.type   'polypeptide(L)'
_entity_poly.pdbx_seq_one_letter_code
;VNQSETPVKHIGKIFFTLGGSNYVCSGNSVTAANKSTVSTAGHCLNEGPGAYATNFIFVPAYLNGAAPYGKWTAKALYAP
TQWASNGNMQYDTAFAVMNTLNGQKLADVVGSSGVQFNAARGLSYKSFGYPAASPFNGESLKSCSGTATNDPYNPQFATQ
GIPCNMTGGSSGGPWFIGNSSSGYQNSVNSYGYGSNSSTMYGPYWGTVIQSTYNTAAAS
;
_entity_poly.pdbx_strand_id   A
#
# COMPACT_ATOMS: atom_id res chain seq x y z
N VAL A 1 13.70 11.83 4.82
CA VAL A 1 13.09 13.18 4.92
C VAL A 1 11.58 13.14 4.67
N ASN A 2 10.84 13.95 5.41
CA ASN A 2 9.39 14.03 5.28
C ASN A 2 8.99 15.24 4.44
N GLN A 3 8.19 15.00 3.41
CA GLN A 3 7.77 16.10 2.53
C GLN A 3 6.36 15.94 1.98
N SER A 4 5.81 17.08 1.55
CA SER A 4 4.56 17.10 0.80
C SER A 4 4.87 16.82 -0.67
N GLU A 5 3.96 16.14 -1.33
CA GLU A 5 4.16 15.67 -2.71
C GLU A 5 2.99 16.07 -3.60
N THR A 6 3.28 16.50 -4.82
CA THR A 6 2.20 16.67 -5.81
C THR A 6 1.67 15.28 -6.14
N PRO A 7 0.39 15.19 -6.53
CA PRO A 7 -0.21 13.89 -6.82
C PRO A 7 0.60 13.10 -7.85
N VAL A 8 0.69 11.79 -7.62
CA VAL A 8 1.39 10.90 -8.53
C VAL A 8 0.32 10.01 -9.14
N LYS A 9 0.32 9.94 -10.47
CA LYS A 9 -0.75 9.29 -11.23
C LYS A 9 -1.11 7.91 -10.72
N HIS A 10 -0.09 7.10 -10.43
CA HIS A 10 -0.30 5.68 -10.08
C HIS A 10 -0.52 5.43 -8.58
N ILE A 11 -0.25 6.43 -7.75
CA ILE A 11 -0.44 6.32 -6.30
C ILE A 11 -1.81 6.89 -5.92
N GLY A 12 -2.54 6.18 -5.07
CA GLY A 12 -3.89 6.61 -4.72
C GLY A 12 -4.30 6.44 -3.28
N LYS A 13 -5.42 7.08 -2.94
CA LYS A 13 -6.07 6.94 -1.65
C LYS A 13 -7.13 5.86 -1.76
N ILE A 14 -7.29 5.08 -0.68
CA ILE A 14 -8.28 4.01 -0.64
C ILE A 14 -9.34 4.33 0.41
N PHE A 15 -10.61 4.15 0.02
CA PHE A 15 -11.74 4.24 0.95
C PHE A 15 -12.37 2.86 0.98
N PHE A 16 -12.55 2.29 2.16
CA PHE A 16 -13.07 0.94 2.23
C PHE A 16 -13.98 0.63 3.42
N THR A 17 -14.74 -0.45 3.30
CA THR A 17 -15.57 -0.95 4.38
C THR A 17 -15.07 -2.33 4.75
N LEU A 18 -14.72 -2.51 6.02
CA LEU A 18 -14.17 -3.77 6.51
C LEU A 18 -14.74 -4.08 7.89
N GLY A 19 -15.32 -5.27 8.02
CA GLY A 19 -15.98 -5.67 9.27
C GLY A 19 -17.10 -4.70 9.63
N GLY A 20 -17.71 -4.11 8.61
CA GLY A 20 -18.84 -3.20 8.78
C GLY A 20 -18.50 -1.75 9.12
N SER A 21 -17.20 -1.43 9.18
CA SER A 21 -16.76 -0.07 9.51
C SER A 21 -16.01 0.58 8.36
N ASN A 22 -15.99 1.91 8.34
CA ASN A 22 -15.38 2.67 7.26
C ASN A 22 -13.99 3.21 7.59
N TYR A 23 -13.05 2.93 6.69
CA TYR A 23 -11.64 3.25 6.91
C TYR A 23 -10.99 3.85 5.67
N VAL A 24 -9.80 4.42 5.85
CA VAL A 24 -8.96 4.85 4.73
C VAL A 24 -7.59 4.18 4.74
N CYS A 25 -7.01 4.07 3.55
CA CYS A 25 -5.66 3.57 3.37
C CYS A 25 -5.04 4.25 2.15
N SER A 26 -3.88 3.76 1.74
CA SER A 26 -3.21 4.22 0.54
C SER A 26 -2.80 3.01 -0.28
N GLY A 27 -2.56 3.21 -1.57
CA GLY A 27 -2.22 2.11 -2.45
C GLY A 27 -1.51 2.57 -3.70
N ASN A 28 -1.18 1.61 -4.56
CA ASN A 28 -0.39 1.89 -5.76
C ASN A 28 -0.75 0.97 -6.90
N SER A 29 -0.91 1.54 -8.10
CA SER A 29 -1.09 0.75 -9.31
C SER A 29 0.23 0.05 -9.64
N VAL A 30 0.20 -1.28 -9.67
CA VAL A 30 1.40 -2.06 -9.94
C VAL A 30 1.26 -2.84 -11.24
N THR A 31 2.38 -3.02 -11.93
CA THR A 31 2.37 -3.69 -13.23
C THR A 31 1.85 -5.11 -13.06
N ALA A 32 0.97 -5.52 -13.98
CA ALA A 32 0.29 -6.80 -13.89
C ALA A 32 -0.37 -7.09 -15.22
N ALA A 33 -0.39 -8.36 -15.62
CA ALA A 33 -1.02 -8.78 -16.88
C ALA A 33 -2.45 -8.26 -17.02
N ASN A 34 -3.19 -8.23 -15.91
CA ASN A 34 -4.59 -7.76 -15.95
C ASN A 34 -4.77 -6.24 -16.04
N LYS A 35 -3.66 -5.50 -15.93
CA LYS A 35 -3.64 -4.04 -15.97
C LYS A 35 -4.59 -3.39 -14.96
N SER A 36 -4.84 -4.10 -13.86
CA SER A 36 -5.89 -3.74 -12.91
C SER A 36 -5.49 -3.91 -11.46
N THR A 37 -4.21 -4.18 -11.21
CA THR A 37 -3.77 -4.57 -9.88
C THR A 37 -3.24 -3.40 -9.06
N VAL A 38 -3.67 -3.36 -7.80
CA VAL A 38 -3.31 -2.32 -6.84
C VAL A 38 -2.68 -2.97 -5.62
N SER A 39 -1.48 -2.51 -5.26
CA SER A 39 -0.82 -3.01 -4.06
C SER A 39 -1.25 -2.19 -2.84
N THR A 40 -1.35 -2.85 -1.70
CA THR A 40 -1.72 -2.20 -0.43
C THR A 40 -1.33 -3.12 0.73
N ALA A 41 -1.71 -2.76 1.95
CA ALA A 41 -1.47 -3.61 3.12
C ALA A 41 -2.58 -4.64 3.24
N GLY A 42 -2.27 -5.80 3.81
CA GLY A 42 -3.28 -6.82 4.05
C GLY A 42 -4.39 -6.25 4.92
N HIS A 43 -4.00 -5.45 5.92
CA HIS A 43 -4.98 -4.86 6.86
C HIS A 43 -5.86 -3.77 6.24
N CYS A 44 -5.56 -3.40 5.00
CA CYS A 44 -6.37 -2.45 4.26
C CYS A 44 -7.47 -3.12 3.44
N LEU A 45 -7.53 -4.45 3.48
CA LEU A 45 -8.57 -5.16 2.72
C LEU A 45 -9.06 -6.47 3.35
N ASN A 46 -8.48 -6.85 4.49
CA ASN A 46 -8.89 -8.08 5.17
C ASN A 46 -8.69 -7.92 6.68
N GLU A 47 -9.66 -8.42 7.45
CA GLU A 47 -9.65 -8.26 8.91
C GLU A 47 -8.38 -8.73 9.62
N GLY A 48 -7.72 -9.74 9.06
CA GLY A 48 -6.42 -10.21 9.56
C GLY A 48 -6.43 -10.67 11.01
N PRO A 49 -7.04 -11.84 11.30
CA PRO A 49 -7.73 -12.71 10.36
C PRO A 49 -9.23 -12.40 10.22
N GLY A 50 -9.82 -12.85 9.12
CA GLY A 50 -11.26 -12.76 8.96
C GLY A 50 -11.71 -12.47 7.54
N ALA A 51 -12.77 -11.69 7.44
CA ALA A 51 -13.41 -11.40 6.16
C ALA A 51 -12.61 -10.39 5.34
N TYR A 52 -12.77 -10.47 4.03
CA TYR A 52 -12.30 -9.42 3.14
C TYR A 52 -13.23 -8.21 3.19
N ALA A 53 -12.71 -7.05 2.77
CA ALA A 53 -13.49 -5.83 2.68
C ALA A 53 -14.72 -6.01 1.78
N THR A 54 -15.83 -5.42 2.18
CA THR A 54 -17.08 -5.53 1.41
C THR A 54 -17.19 -4.44 0.33
N ASN A 55 -16.42 -3.37 0.48
CA ASN A 55 -16.29 -2.34 -0.54
C ASN A 55 -14.89 -1.75 -0.45
N PHE A 56 -14.30 -1.47 -1.61
CA PHE A 56 -12.89 -1.04 -1.70
C PHE A 56 -12.74 -0.14 -2.91
N ILE A 57 -12.48 1.14 -2.66
CA ILE A 57 -12.40 2.15 -3.70
C ILE A 57 -11.01 2.75 -3.77
N PHE A 58 -10.42 2.75 -4.96
CA PHE A 58 -9.10 3.31 -5.19
C PHE A 58 -9.23 4.60 -5.99
N VAL A 59 -8.65 5.68 -5.45
CA VAL A 59 -8.71 6.98 -6.13
C VAL A 59 -7.29 7.45 -6.47
N PRO A 60 -6.84 7.15 -7.71
CA PRO A 60 -5.50 7.57 -8.15
C PRO A 60 -5.38 9.10 -8.15
N ALA A 61 -4.24 9.60 -7.69
CA ALA A 61 -3.94 11.03 -7.69
C ALA A 61 -4.99 11.87 -6.95
N TYR A 62 -5.61 11.28 -5.93
CA TYR A 62 -6.55 11.98 -5.06
C TYR A 62 -5.91 13.25 -4.50
N LEU A 63 -6.67 14.35 -4.51
CA LEU A 63 -6.24 15.57 -3.85
C LEU A 63 -7.45 16.38 -3.42
N ASN A 64 -7.59 16.56 -2.10
CA ASN A 64 -8.66 17.40 -1.55
C ASN A 64 -10.06 17.07 -2.06
N GLY A 65 -10.30 15.77 -2.24
CA GLY A 65 -11.60 15.28 -2.68
C GLY A 65 -11.71 15.04 -4.17
N ALA A 66 -10.77 15.56 -4.94
CA ALA A 66 -10.79 15.41 -6.39
C ALA A 66 -10.34 14.03 -6.81
N ALA A 67 -11.04 13.48 -7.81
CA ALA A 67 -10.70 12.21 -8.42
C ALA A 67 -10.42 12.41 -9.92
N PRO A 68 -9.23 12.92 -10.27
CA PRO A 68 -8.96 13.32 -11.66
C PRO A 68 -9.03 12.17 -12.67
N TYR A 69 -8.82 10.94 -12.20
CA TYR A 69 -8.89 9.76 -13.05
C TYR A 69 -10.02 8.81 -12.63
N GLY A 70 -10.99 9.35 -11.90
CA GLY A 70 -12.16 8.61 -11.45
C GLY A 70 -11.96 7.79 -10.19
N LYS A 71 -13.04 7.15 -9.75
CA LYS A 71 -13.02 6.27 -8.58
C LYS A 71 -13.15 4.84 -9.07
N TRP A 72 -12.23 3.99 -8.61
CA TRP A 72 -12.13 2.62 -9.10
C TRP A 72 -12.59 1.65 -8.02
N THR A 73 -13.43 0.68 -8.42
CA THR A 73 -13.99 -0.29 -7.48
C THR A 73 -13.31 -1.65 -7.62
N ALA A 74 -13.03 -2.30 -6.50
CA ALA A 74 -12.40 -3.62 -6.50
C ALA A 74 -13.39 -4.71 -6.90
N LYS A 75 -12.97 -5.56 -7.82
CA LYS A 75 -13.76 -6.76 -8.11
C LYS A 75 -13.29 -7.95 -7.27
N ALA A 76 -12.00 -7.98 -6.93
CA ALA A 76 -11.47 -9.07 -6.10
C ALA A 76 -10.30 -8.59 -5.24
N LEU A 77 -10.06 -9.32 -4.14
CA LEU A 77 -9.03 -8.95 -3.17
C LEU A 77 -8.22 -10.19 -2.82
N TYR A 78 -6.89 -10.02 -2.76
CA TYR A 78 -5.98 -11.14 -2.55
C TYR A 78 -4.97 -10.88 -1.45
N ALA A 79 -5.09 -11.63 -0.36
CA ALA A 79 -4.12 -11.57 0.72
C ALA A 79 -3.55 -12.97 0.95
N PRO A 80 -2.29 -13.06 1.43
CA PRO A 80 -1.73 -14.37 1.75
C PRO A 80 -2.50 -15.05 2.85
N THR A 81 -2.49 -16.39 2.85
CA THR A 81 -3.15 -17.19 3.89
C THR A 81 -2.74 -16.73 5.27
N GLN A 82 -1.44 -16.47 5.43
CA GLN A 82 -0.87 -16.03 6.69
C GLN A 82 -1.50 -14.76 7.21
N TRP A 83 -1.92 -13.88 6.29
CA TRP A 83 -2.69 -12.70 6.69
C TRP A 83 -4.17 -13.01 6.95
N ALA A 84 -4.85 -13.54 5.94
CA ALA A 84 -6.29 -13.74 5.99
C ALA A 84 -6.74 -14.72 7.07
N SER A 85 -5.90 -15.70 7.36
CA SER A 85 -6.22 -16.76 8.32
C SER A 85 -5.59 -16.54 9.69
N ASN A 86 -4.47 -15.84 9.75
CA ASN A 86 -3.72 -15.70 11.01
C ASN A 86 -3.40 -14.26 11.46
N GLY A 87 -3.65 -13.29 10.58
CA GLY A 87 -3.28 -11.89 10.87
C GLY A 87 -1.80 -11.68 11.16
N ASN A 88 -0.95 -12.47 10.51
CA ASN A 88 0.49 -12.42 10.74
C ASN A 88 1.10 -11.18 10.10
N MET A 89 1.60 -10.27 10.94
CA MET A 89 2.17 -8.99 10.47
C MET A 89 3.37 -9.15 9.52
N GLN A 90 4.03 -10.30 9.57
CA GLN A 90 5.13 -10.56 8.64
C GLN A 90 4.68 -10.48 7.19
N TYR A 91 3.41 -10.80 6.96
CA TYR A 91 2.87 -10.90 5.62
C TYR A 91 1.74 -9.89 5.37
N ASP A 92 1.89 -8.69 5.93
CA ASP A 92 0.89 -7.64 5.80
C ASP A 92 1.03 -6.89 4.46
N THR A 93 0.72 -7.61 3.38
CA THR A 93 0.62 -7.01 2.05
C THR A 93 -0.47 -7.76 1.31
N ALA A 94 -1.20 -7.04 0.47
CA ALA A 94 -2.25 -7.63 -0.33
C ALA A 94 -2.43 -6.87 -1.63
N PHE A 95 -3.17 -7.46 -2.55
CA PHE A 95 -3.36 -6.88 -3.86
C PHE A 95 -4.82 -6.90 -4.22
N ALA A 96 -5.32 -5.75 -4.65
CA ALA A 96 -6.68 -5.64 -5.09
C ALA A 96 -6.69 -5.62 -6.62
N VAL A 97 -7.70 -6.26 -7.21
CA VAL A 97 -7.89 -6.24 -8.66
C VAL A 97 -9.14 -5.43 -8.97
N MET A 98 -8.97 -4.39 -9.77
CA MET A 98 -10.02 -3.39 -9.97
C MET A 98 -10.89 -3.71 -11.16
N ASN A 99 -12.18 -3.40 -11.05
CA ASN A 99 -13.08 -3.38 -12.21
C ASN A 99 -12.61 -2.35 -13.22
N THR A 100 -13.02 -2.54 -14.48
CA THR A 100 -12.84 -1.49 -15.47
C THR A 100 -13.73 -0.29 -15.12
N LEU A 101 -13.27 0.90 -15.49
CA LEU A 101 -14.06 2.12 -15.32
C LEU A 101 -14.22 2.79 -16.68
N ASN A 102 -15.47 2.96 -17.10
CA ASN A 102 -15.79 3.52 -18.42
C ASN A 102 -15.09 2.74 -19.53
N GLY A 103 -15.06 1.42 -19.38
CA GLY A 103 -14.48 0.51 -20.37
C GLY A 103 -12.97 0.46 -20.39
N GLN A 104 -12.32 1.12 -19.42
CA GLN A 104 -10.87 1.24 -19.39
C GLN A 104 -10.25 0.49 -18.21
N LYS A 105 -9.06 -0.08 -18.43
CA LYS A 105 -8.29 -0.73 -17.37
C LYS A 105 -7.41 0.30 -16.63
N LEU A 106 -7.29 0.15 -15.32
CA LEU A 106 -6.61 1.13 -14.48
C LEU A 106 -5.22 1.56 -14.99
N ALA A 107 -4.39 0.58 -15.31
CA ALA A 107 -3.01 0.84 -15.74
C ALA A 107 -2.93 1.56 -17.08
N ASP A 108 -3.97 1.40 -17.90
CA ASP A 108 -4.05 2.11 -19.17
C ASP A 108 -4.33 3.60 -18.97
N VAL A 109 -4.96 3.92 -17.84
CA VAL A 109 -5.30 5.30 -17.50
C VAL A 109 -4.20 5.99 -16.69
N VAL A 110 -3.67 5.29 -15.69
CA VAL A 110 -2.73 5.93 -14.74
C VAL A 110 -1.31 5.34 -14.73
N GLY A 111 -1.06 4.34 -15.56
CA GLY A 111 0.23 3.67 -15.56
C GLY A 111 0.37 2.76 -14.36
N SER A 112 1.58 2.28 -14.12
CA SER A 112 1.83 1.35 -13.01
C SER A 112 3.31 1.29 -12.66
N SER A 113 3.59 0.85 -11.44
CA SER A 113 4.96 0.67 -10.96
C SER A 113 5.41 -0.77 -11.16
N GLY A 114 6.66 -0.95 -11.55
CA GLY A 114 7.28 -2.26 -11.49
C GLY A 114 7.40 -2.72 -10.05
N VAL A 115 7.49 -4.03 -9.86
CA VAL A 115 7.63 -4.61 -8.52
C VAL A 115 8.90 -5.45 -8.39
N GLN A 116 9.39 -5.56 -7.16
CA GLN A 116 10.53 -6.42 -6.84
C GLN A 116 10.22 -7.30 -5.65
N PHE A 117 10.64 -8.56 -5.73
CA PHE A 117 10.54 -9.51 -4.62
C PHE A 117 11.89 -10.15 -4.38
N ASN A 118 12.07 -10.68 -3.17
CA ASN A 118 13.29 -11.39 -2.78
C ASN A 118 14.55 -10.56 -2.99
N ALA A 119 14.44 -9.27 -2.67
CA ALA A 119 15.54 -8.33 -2.78
C ALA A 119 16.33 -8.28 -1.47
N ALA A 120 17.42 -7.51 -1.48
CA ALA A 120 18.25 -7.35 -0.29
C ALA A 120 17.51 -6.65 0.84
N ARG A 121 17.91 -6.96 2.08
CA ARG A 121 17.48 -6.21 3.27
C ARG A 121 18.41 -5.01 3.43
N GLY A 122 17.87 -3.88 3.86
CA GLY A 122 18.70 -2.71 4.14
C GLY A 122 18.85 -1.74 2.99
N LEU A 123 17.96 -1.82 2.00
CA LEU A 123 17.95 -0.86 0.91
C LEU A 123 17.42 0.50 1.36
N SER A 124 17.65 1.52 0.54
CA SER A 124 17.09 2.84 0.78
C SER A 124 15.77 3.00 0.03
N TYR A 125 14.84 3.72 0.64
CA TYR A 125 13.47 3.80 0.13
C TYR A 125 12.90 5.20 0.18
N LYS A 126 11.92 5.45 -0.67
CA LYS A 126 11.01 6.58 -0.51
C LYS A 126 9.60 6.02 -0.46
N SER A 127 8.90 6.30 0.64
CA SER A 127 7.54 5.80 0.88
C SER A 127 6.53 6.91 0.73
N PHE A 128 5.37 6.57 0.16
CA PHE A 128 4.31 7.54 -0.08
C PHE A 128 3.02 7.13 0.61
N GLY A 129 2.17 8.09 0.92
CA GLY A 129 0.85 7.78 1.47
C GLY A 129 -0.03 8.98 1.66
N TYR A 130 -1.27 8.71 2.07
CA TYR A 130 -2.24 9.73 2.43
C TYR A 130 -2.52 9.66 3.93
N PRO A 131 -1.58 10.16 4.76
CA PRO A 131 -1.83 10.10 6.20
C PRO A 131 -3.05 10.93 6.57
N ALA A 132 -3.87 10.39 7.48
CA ALA A 132 -5.18 10.96 7.76
C ALA A 132 -5.39 11.33 9.23
N ALA A 133 -4.36 11.13 10.05
CA ALA A 133 -4.42 11.45 11.47
C ALA A 133 -3.52 12.63 11.80
N SER A 134 -3.93 13.42 12.79
CA SER A 134 -3.16 14.58 13.24
C SER A 134 -1.67 14.25 13.30
N PRO A 135 -0.81 15.15 12.74
CA PRO A 135 -1.11 16.48 12.21
C PRO A 135 -1.69 16.55 10.79
N PHE A 136 -1.88 15.39 10.16
CA PHE A 136 -2.38 15.30 8.79
C PHE A 136 -3.91 15.18 8.76
N ASN A 137 -4.51 15.39 7.59
CA ASN A 137 -5.96 15.32 7.46
C ASN A 137 -6.47 14.42 6.34
N GLY A 138 -5.56 13.64 5.74
CA GLY A 138 -5.91 12.62 4.75
C GLY A 138 -6.08 13.08 3.33
N GLU A 139 -5.99 14.39 3.10
CA GLU A 139 -6.42 14.96 1.84
C GLU A 139 -5.35 15.05 0.75
N SER A 140 -4.09 14.82 1.12
CA SER A 140 -2.99 15.05 0.19
C SER A 140 -1.86 14.04 0.34
N LEU A 141 -1.10 13.86 -0.74
CA LEU A 141 0.01 12.91 -0.78
C LEU A 141 1.23 13.44 -0.02
N LYS A 142 1.80 12.58 0.83
CA LYS A 142 3.02 12.88 1.58
C LYS A 142 4.03 11.77 1.34
N SER A 143 5.29 12.03 1.71
CA SER A 143 6.32 11.02 1.61
C SER A 143 7.28 11.01 2.80
N CYS A 144 7.97 9.88 2.94
CA CYS A 144 9.09 9.72 3.86
C CYS A 144 10.20 9.03 3.10
N SER A 145 11.43 9.15 3.59
CA SER A 145 12.55 8.46 2.96
C SER A 145 13.63 8.10 3.97
N GLY A 146 14.36 7.03 3.68
CA GLY A 146 15.51 6.65 4.50
C GLY A 146 16.04 5.27 4.19
N THR A 147 17.01 4.84 4.98
CA THR A 147 17.61 3.53 4.84
C THR A 147 16.86 2.57 5.76
N ALA A 148 16.45 1.43 5.19
CA ALA A 148 15.75 0.41 5.96
C ALA A 148 16.65 -0.26 6.98
N THR A 149 16.14 -0.40 8.21
CA THR A 149 16.79 -1.18 9.25
C THR A 149 15.77 -2.14 9.88
N ASN A 150 16.26 -3.12 10.63
CA ASN A 150 15.37 -4.07 11.27
C ASN A 150 14.58 -3.46 12.43
N ASP A 151 13.47 -4.10 12.77
CA ASP A 151 12.72 -3.75 13.97
C ASP A 151 13.54 -4.22 15.17
N PRO A 152 14.00 -3.27 16.01
CA PRO A 152 14.89 -3.60 17.13
C PRO A 152 14.18 -4.34 18.26
N TYR A 153 12.86 -4.32 18.25
CA TYR A 153 12.07 -4.79 19.38
C TYR A 153 11.30 -6.05 19.06
N ASN A 154 10.59 -6.02 17.93
CA ASN A 154 9.85 -7.18 17.45
C ASN A 154 10.40 -7.65 16.09
N PRO A 155 11.63 -8.22 16.06
CA PRO A 155 12.23 -8.63 14.79
C PRO A 155 11.64 -9.93 14.23
N GLN A 156 10.66 -10.49 14.94
CA GLN A 156 10.04 -11.76 14.57
C GLN A 156 9.24 -11.70 13.28
N PHE A 157 8.97 -10.49 12.80
CA PHE A 157 8.14 -10.32 11.60
C PHE A 157 8.96 -10.09 10.33
N ALA A 158 10.29 -10.03 10.48
CA ALA A 158 11.22 -9.77 9.38
C ALA A 158 10.93 -8.45 8.64
N THR A 159 10.25 -7.53 9.31
CA THR A 159 9.90 -6.24 8.72
C THR A 159 11.11 -5.31 8.71
N GLN A 160 10.98 -4.17 8.03
CA GLN A 160 12.02 -3.15 8.02
C GLN A 160 11.40 -1.80 8.29
N GLY A 161 12.18 -0.89 8.89
CA GLY A 161 11.68 0.44 9.19
C GLY A 161 12.52 1.56 8.62
N ILE A 162 11.86 2.67 8.31
CA ILE A 162 12.54 3.91 7.90
C ILE A 162 12.02 5.08 8.75
N PRO A 163 12.84 6.13 8.94
CA PRO A 163 12.32 7.29 9.66
C PRO A 163 11.17 7.90 8.87
N CYS A 164 10.07 8.21 9.56
CA CYS A 164 8.84 8.62 8.90
C CYS A 164 7.86 9.21 9.91
N ASN A 165 7.18 10.28 9.51
CA ASN A 165 6.18 10.92 10.36
C ASN A 165 4.73 10.67 9.91
N MET A 166 4.55 9.85 8.87
CA MET A 166 3.22 9.59 8.34
C MET A 166 2.37 8.78 9.32
N THR A 167 1.09 9.13 9.39
CA THR A 167 0.18 8.60 10.41
C THR A 167 -0.88 7.71 9.78
N GLY A 168 -1.79 7.20 10.62
CA GLY A 168 -2.91 6.37 10.16
C GLY A 168 -3.56 6.86 8.89
N GLY A 169 -3.79 5.96 7.94
CA GLY A 169 -4.28 6.32 6.62
C GLY A 169 -3.19 6.14 5.57
N SER A 170 -1.94 6.30 5.99
CA SER A 170 -0.80 6.07 5.09
C SER A 170 -0.55 4.58 4.87
N SER A 171 -1.11 3.75 5.75
CA SER A 171 -1.08 2.29 5.61
C SER A 171 -1.35 1.86 4.18
N GLY A 172 -0.54 0.93 3.70
CA GLY A 172 -0.69 0.38 2.37
C GLY A 172 0.03 1.17 1.29
N GLY A 173 0.47 2.39 1.63
CA GLY A 173 1.20 3.23 0.68
C GLY A 173 2.52 2.61 0.24
N PRO A 174 2.94 2.88 -1.00
CA PRO A 174 4.09 2.15 -1.56
C PRO A 174 5.46 2.59 -1.05
N TRP A 175 6.34 1.62 -0.86
CA TRP A 175 7.76 1.86 -0.65
C TRP A 175 8.47 1.62 -1.98
N PHE A 176 9.13 2.65 -2.50
CA PHE A 176 9.93 2.49 -3.72
C PHE A 176 11.40 2.42 -3.36
N ILE A 177 12.11 1.45 -3.93
CA ILE A 177 13.57 1.39 -3.77
C ILE A 177 14.15 2.63 -4.41
N GLY A 178 15.01 3.34 -3.67
CA GLY A 178 15.63 4.55 -4.19
C GLY A 178 14.98 5.81 -3.66
N ASN A 179 14.94 6.85 -4.50
CA ASN A 179 14.49 8.18 -4.07
C ASN A 179 13.36 8.80 -4.91
N SER A 180 12.66 7.96 -5.67
CA SER A 180 11.65 8.46 -6.60
C SER A 180 10.40 7.59 -6.65
N SER A 181 9.27 8.22 -6.92
CA SER A 181 7.99 7.53 -7.12
C SER A 181 7.96 6.74 -8.43
N SER A 182 8.95 6.99 -9.29
CA SER A 182 9.04 6.30 -10.58
C SER A 182 9.76 4.94 -10.49
N GLY A 183 10.22 4.59 -9.29
CA GLY A 183 11.02 3.37 -9.09
C GLY A 183 10.21 2.10 -8.92
N TYR A 184 10.89 1.04 -8.50
CA TYR A 184 10.25 -0.24 -8.24
C TYR A 184 9.68 -0.28 -6.82
N GLN A 185 8.46 -0.79 -6.70
CA GLN A 185 7.87 -1.00 -5.37
C GLN A 185 8.41 -2.27 -4.73
N ASN A 186 8.72 -2.20 -3.44
CA ASN A 186 9.32 -3.34 -2.74
C ASN A 186 8.84 -3.51 -1.29
N SER A 187 7.86 -2.69 -0.88
CA SER A 187 7.14 -2.87 0.38
C SER A 187 5.92 -1.94 0.44
N VAL A 188 5.20 -1.98 1.57
CA VAL A 188 4.10 -1.07 1.85
C VAL A 188 4.20 -0.56 3.28
N ASN A 189 3.60 0.60 3.56
CA ASN A 189 3.43 1.05 4.94
C ASN A 189 2.53 0.09 5.71
N SER A 190 3.02 -0.44 6.83
CA SER A 190 2.27 -1.44 7.59
C SER A 190 1.96 -1.04 9.03
N TYR A 191 2.99 -0.69 9.80
CA TYR A 191 2.78 -0.33 11.19
C TYR A 191 3.82 0.64 11.73
N GLY A 192 3.45 1.29 12.83
CA GLY A 192 4.38 2.05 13.64
C GLY A 192 4.11 1.75 15.10
N TYR A 193 4.99 2.21 15.97
CA TYR A 193 4.81 2.05 17.41
C TYR A 193 4.16 3.29 18.02
N GLY A 194 2.83 3.26 18.11
CA GLY A 194 2.06 4.41 18.56
C GLY A 194 1.55 5.24 17.40
N SER A 195 0.58 6.11 17.69
CA SER A 195 -0.15 6.87 16.67
C SER A 195 0.72 7.83 15.87
N ASN A 196 1.72 8.42 16.54
CA ASN A 196 2.65 9.34 15.89
C ASN A 196 4.09 8.90 16.03
N SER A 197 4.32 7.61 15.79
CA SER A 197 5.67 7.05 15.80
C SER A 197 6.53 7.72 14.74
N SER A 198 7.83 7.81 15.03
CA SER A 198 8.78 8.45 14.13
C SER A 198 9.47 7.45 13.19
N THR A 199 8.99 6.20 13.22
CA THR A 199 9.46 5.15 12.30
C THR A 199 8.25 4.44 11.68
N MET A 200 8.31 4.20 10.38
CA MET A 200 7.30 3.41 9.68
C MET A 200 7.90 2.06 9.31
N TYR A 201 7.18 0.98 9.63
CA TYR A 201 7.61 -0.37 9.27
C TYR A 201 6.81 -0.93 8.11
N GLY A 202 7.51 -1.67 7.25
CA GLY A 202 6.91 -2.37 6.13
C GLY A 202 7.43 -3.79 6.03
N PRO A 203 6.58 -4.73 5.58
CA PRO A 203 7.00 -6.13 5.52
C PRO A 203 8.02 -6.41 4.41
N TYR A 204 8.81 -7.45 4.62
CA TYR A 204 9.74 -7.90 3.60
C TYR A 204 8.96 -8.54 2.46
N TRP A 205 9.23 -8.09 1.23
CA TRP A 205 8.55 -8.66 0.08
C TRP A 205 9.28 -9.91 -0.42
N GLY A 206 8.86 -11.05 0.13
CA GLY A 206 9.48 -12.32 -0.17
C GLY A 206 8.60 -13.25 -0.98
N THR A 207 8.86 -14.55 -0.89
CA THR A 207 8.17 -15.52 -1.74
C THR A 207 6.68 -15.65 -1.46
N VAL A 208 6.27 -15.50 -0.22
CA VAL A 208 4.84 -15.61 0.14
C VAL A 208 4.05 -14.46 -0.48
N ILE A 209 4.53 -13.23 -0.29
CA ILE A 209 3.89 -12.05 -0.87
C ILE A 209 3.96 -12.09 -2.40
N GLN A 210 5.09 -12.57 -2.94
CA GLN A 210 5.24 -12.74 -4.38
C GLN A 210 4.17 -13.68 -4.96
N SER A 211 3.92 -14.79 -4.27
CA SER A 211 2.90 -15.74 -4.71
C SER A 211 1.50 -15.12 -4.74
N THR A 212 1.21 -14.26 -3.75
CA THR A 212 -0.06 -13.54 -3.71
C THR A 212 -0.15 -12.56 -4.88
N TYR A 213 0.94 -11.85 -5.14
CA TYR A 213 1.01 -10.95 -6.29
C TYR A 213 0.74 -11.70 -7.60
N ASN A 214 1.38 -12.87 -7.75
CA ASN A 214 1.28 -13.67 -8.97
C ASN A 214 -0.16 -14.07 -9.30
N THR A 215 -0.90 -14.54 -8.29
CA THR A 215 -2.30 -14.89 -8.48
C THR A 215 -3.19 -13.66 -8.76
N ALA A 216 -2.97 -12.58 -8.02
CA ALA A 216 -3.73 -11.35 -8.21
C ALA A 216 -3.51 -10.78 -9.61
N ALA A 217 -2.26 -10.74 -10.05
CA ALA A 217 -1.87 -10.09 -11.30
C ALA A 217 -2.48 -10.76 -12.55
N ALA A 218 -2.77 -12.04 -12.43
CA ALA A 218 -3.38 -12.81 -13.53
C ALA A 218 -4.90 -12.75 -13.51
N SER A 219 -5.46 -12.35 -12.37
CA SER A 219 -6.91 -12.47 -12.10
C SER A 219 -7.77 -11.34 -12.65
#